data_8V2U
#
_entry.id   8V2U
#
_cell.length_a   1.000
_cell.length_b   1.000
_cell.length_c   1.000
_cell.angle_alpha   90.00
_cell.angle_beta   90.00
_cell.angle_gamma   90.00
#
_symmetry.space_group_name_H-M   'P 1'
#
_entity_poly.entity_id   1
_entity_poly.type   'polypeptide(L)'
_entity_poly.pdbx_seq_one_letter_code
;YTCGPLFQCPAGQYCQDKDGTGYCFK(NH2)
;
_entity_poly.pdbx_strand_id   A
#
# COMPACT_ATOMS: atom_id res chain seq x y z
N TYR A 1 -4.72 7.17 0.36
CA TYR A 1 -5.56 6.37 -0.53
C TYR A 1 -5.33 4.88 -0.31
N THR A 2 -6.14 4.06 -0.99
CA THR A 2 -6.02 2.62 -0.87
C THR A 2 -5.11 2.04 -1.95
N CYS A 3 -4.82 0.75 -1.83
CA CYS A 3 -3.96 0.07 -2.80
C CYS A 3 -4.78 -0.45 -3.97
N GLY A 4 -4.15 -0.46 -5.15
CA GLY A 4 -4.83 -0.94 -6.35
C GLY A 4 -4.75 0.04 -7.50
N PRO A 5 -5.54 1.12 -7.41
CA PRO A 5 -5.57 2.16 -8.45
C PRO A 5 -4.29 2.98 -8.49
N LEU A 6 -3.72 3.23 -7.30
CA LEU A 6 -2.48 3.99 -7.20
C LEU A 6 -1.27 3.08 -7.15
N PHE A 7 -0.09 3.68 -7.18
CA PHE A 7 1.16 2.92 -7.13
C PHE A 7 1.16 1.95 -5.96
N GLN A 8 2.01 0.92 -6.05
CA GLN A 8 2.10 -0.08 -4.99
C GLN A 8 3.56 -0.49 -4.76
N CYS A 9 3.82 -1.07 -3.59
CA CYS A 9 5.16 -1.50 -3.25
C CYS A 9 5.64 -2.62 -4.17
N PRO A 10 6.97 -2.74 -4.34
CA PRO A 10 7.56 -3.76 -5.20
C PRO A 10 7.41 -5.16 -4.62
N ALA A 11 7.78 -6.17 -5.41
CA ALA A 11 7.69 -7.56 -4.98
C ALA A 11 8.35 -7.75 -3.61
N GLY A 12 7.67 -8.47 -2.72
CA GLY A 12 8.21 -8.71 -1.40
C GLY A 12 7.64 -7.76 -0.37
N GLN A 13 7.26 -6.57 -0.81
CA GLN A 13 6.70 -5.56 0.10
C GLN A 13 5.19 -5.53 0.01
N TYR A 14 4.54 -5.16 1.11
CA TYR A 14 3.08 -5.10 1.15
C TYR A 14 2.62 -3.79 1.77
N CYS A 15 1.54 -3.23 1.23
CA CYS A 15 0.99 -1.97 1.74
C CYS A 15 -0.04 -2.22 2.82
N GLN A 16 -0.28 -1.21 3.65
CA GLN A 16 -1.24 -1.33 4.75
C GLN A 16 -2.30 -0.22 4.65
N ASP A 17 -3.56 -0.63 4.67
CA ASP A 17 -4.67 0.33 4.60
C ASP A 17 -5.12 0.75 5.99
N LYS A 18 -5.12 2.05 6.25
CA LYS A 18 -5.53 2.57 7.54
C LYS A 18 -6.42 3.81 7.37
N ASP A 19 -7.73 3.61 7.51
CA ASP A 19 -8.68 4.70 7.37
C ASP A 19 -8.48 5.43 6.05
N GLY A 20 -8.16 4.69 5.00
CA GLY A 20 -7.94 5.28 3.69
C GLY A 20 -6.48 5.54 3.41
N THR A 21 -5.68 5.58 4.47
CA THR A 21 -4.25 5.83 4.33
C THR A 21 -3.52 4.58 3.82
N GLY A 22 -2.32 4.79 3.28
CA GLY A 22 -1.55 3.67 2.76
C GLY A 22 -0.10 3.74 3.19
N TYR A 23 0.36 2.71 3.92
CA TYR A 23 1.74 2.66 4.39
C TYR A 23 2.46 1.45 3.81
N CYS A 24 3.64 1.70 3.25
CA CYS A 24 4.44 0.63 2.66
C CYS A 24 5.23 -0.11 3.73
N PHE A 25 5.03 -1.42 3.82
CA PHE A 25 5.73 -2.24 4.79
C PHE A 25 6.62 -3.27 4.11
N LYS A 26 7.75 -3.57 4.73
CA LYS A 26 8.70 -4.54 4.17
C LYS A 26 8.05 -5.92 4.08
N TYR A 1 -8.34 6.25 -0.26
CA TYR A 1 -8.01 5.39 -1.40
C TYR A 1 -7.27 4.14 -0.92
N THR A 2 -7.70 2.98 -1.43
CA THR A 2 -7.09 1.72 -1.07
C THR A 2 -6.02 1.31 -2.08
N CYS A 3 -5.27 0.27 -1.75
CA CYS A 3 -4.21 -0.22 -2.64
C CYS A 3 -4.80 -0.80 -3.93
N GLY A 4 -4.07 -0.63 -5.02
CA GLY A 4 -4.54 -1.14 -6.29
C GLY A 4 -4.46 -0.10 -7.39
N PRO A 5 -5.38 0.88 -7.36
CA PRO A 5 -5.43 1.95 -8.36
C PRO A 5 -4.26 2.92 -8.22
N LEU A 6 -3.82 3.14 -6.99
CA LEU A 6 -2.70 4.04 -6.73
C LEU A 6 -1.38 3.28 -6.69
N PHE A 7 -0.29 4.02 -6.53
CA PHE A 7 1.04 3.42 -6.47
C PHE A 7 1.09 2.33 -5.41
N GLN A 8 1.83 1.26 -5.69
CA GLN A 8 1.97 0.15 -4.77
C GLN A 8 3.43 -0.19 -4.53
N CYS A 9 3.68 -1.13 -3.62
CA CYS A 9 5.04 -1.54 -3.30
C CYS A 9 5.51 -2.66 -4.22
N PRO A 10 6.83 -2.76 -4.42
CA PRO A 10 7.42 -3.78 -5.29
C PRO A 10 7.31 -5.19 -4.69
N ALA A 11 7.66 -6.19 -5.48
CA ALA A 11 7.60 -7.58 -5.04
C ALA A 11 8.30 -7.75 -3.69
N GLY A 12 7.66 -8.45 -2.77
CA GLY A 12 8.23 -8.68 -1.46
C GLY A 12 7.69 -7.72 -0.41
N GLN A 13 7.28 -6.53 -0.85
CA GLN A 13 6.74 -5.53 0.06
C GLN A 13 5.21 -5.51 -0.01
N TYR A 14 4.59 -5.16 1.12
CA TYR A 14 3.14 -5.11 1.20
C TYR A 14 2.67 -3.79 1.80
N CYS A 15 1.57 -3.26 1.27
CA CYS A 15 1.02 -2.00 1.76
C CYS A 15 -0.06 -2.24 2.81
N GLN A 16 -0.29 -1.25 3.66
CA GLN A 16 -1.29 -1.36 4.71
C GLN A 16 -2.32 -0.24 4.59
N ASP A 17 -3.59 -0.61 4.54
CA ASP A 17 -4.67 0.35 4.43
C ASP A 17 -5.16 0.79 5.81
N LYS A 18 -5.12 2.09 6.05
CA LYS A 18 -5.55 2.64 7.33
C LYS A 18 -6.41 3.89 7.12
N ASP A 19 -7.72 3.73 7.23
CA ASP A 19 -8.65 4.83 7.06
C ASP A 19 -8.40 5.55 5.73
N GLY A 20 -8.04 4.78 4.71
CA GLY A 20 -7.77 5.36 3.40
C GLY A 20 -6.29 5.59 3.16
N THR A 21 -5.52 5.62 4.23
CA THR A 21 -4.07 5.84 4.13
C THR A 21 -3.35 4.55 3.73
N GLY A 22 -2.23 4.70 3.04
CA GLY A 22 -1.46 3.55 2.61
C GLY A 22 -0.02 3.61 3.06
N TYR A 23 0.39 2.62 3.85
CA TYR A 23 1.76 2.56 4.36
C TYR A 23 2.51 1.36 3.77
N CYS A 24 3.69 1.62 3.25
CA CYS A 24 4.52 0.57 2.66
C CYS A 24 5.36 -0.13 3.72
N PHE A 25 5.19 -1.44 3.84
CA PHE A 25 5.92 -2.22 4.83
C PHE A 25 6.77 -3.30 4.14
N LYS A 26 7.99 -3.47 4.62
CA LYS A 26 8.91 -4.46 4.06
C LYS A 26 8.24 -5.83 3.99
N TYR A 1 -5.74 6.95 -0.25
CA TYR A 1 -6.33 6.01 -1.19
C TYR A 1 -5.94 4.57 -0.84
N THR A 2 -6.64 3.62 -1.46
CA THR A 2 -6.37 2.21 -1.22
C THR A 2 -5.41 1.63 -2.26
N CYS A 3 -4.87 0.45 -1.97
CA CYS A 3 -3.94 -0.20 -2.88
C CYS A 3 -4.66 -0.73 -4.11
N GLY A 4 -4.07 -0.50 -5.28
CA GLY A 4 -4.66 -0.96 -6.52
C GLY A 4 -4.62 0.09 -7.62
N PRO A 5 -5.42 1.15 -7.45
CA PRO A 5 -5.48 2.25 -8.42
C PRO A 5 -4.21 3.09 -8.43
N LEU A 6 -3.62 3.28 -7.26
CA LEU A 6 -2.40 4.07 -7.14
C LEU A 6 -1.17 3.15 -7.06
N PHE A 7 0.01 3.75 -7.19
CA PHE A 7 1.25 2.99 -7.13
C PHE A 7 1.32 2.14 -5.87
N GLN A 8 1.98 1.00 -5.97
CA GLN A 8 2.12 0.09 -4.83
C GLN A 8 3.58 -0.28 -4.60
N CYS A 9 3.82 -1.12 -3.59
CA CYS A 9 5.17 -1.55 -3.27
C CYS A 9 5.62 -2.68 -4.18
N PRO A 10 6.94 -2.79 -4.37
CA PRO A 10 7.53 -3.83 -5.23
C PRO A 10 7.39 -5.24 -4.63
N ALA A 11 7.74 -6.24 -5.41
CA ALA A 11 7.65 -7.63 -4.96
C ALA A 11 8.32 -7.80 -3.60
N GLY A 12 7.65 -8.52 -2.70
CA GLY A 12 8.20 -8.74 -1.38
C GLY A 12 7.64 -7.79 -0.35
N GLN A 13 7.26 -6.59 -0.80
CA GLN A 13 6.71 -5.58 0.09
C GLN A 13 5.19 -5.54 0.01
N TYR A 14 4.55 -5.26 1.13
CA TYR A 14 3.09 -5.19 1.19
C TYR A 14 2.62 -3.86 1.76
N CYS A 15 1.51 -3.35 1.23
CA CYS A 15 0.96 -2.09 1.68
C CYS A 15 0.00 -2.30 2.85
N GLN A 16 -0.22 -1.24 3.63
CA GLN A 16 -1.12 -1.32 4.77
C GLN A 16 -2.17 -0.21 4.72
N ASP A 17 -3.44 -0.58 4.79
CA ASP A 17 -4.52 0.38 4.75
C ASP A 17 -4.91 0.82 6.17
N LYS A 18 -5.02 2.13 6.36
CA LYS A 18 -5.38 2.68 7.66
C LYS A 18 -6.32 3.88 7.51
N ASP A 19 -7.60 3.65 7.74
CA ASP A 19 -8.60 4.71 7.63
C ASP A 19 -8.48 5.42 6.28
N GLY A 20 -8.27 4.63 5.22
CA GLY A 20 -8.15 5.21 3.89
C GLY A 20 -6.71 5.50 3.52
N THR A 21 -5.85 5.59 4.52
CA THR A 21 -4.44 5.88 4.29
C THR A 21 -3.71 4.65 3.73
N GLY A 22 -2.59 4.89 3.06
CA GLY A 22 -1.82 3.80 2.49
C GLY A 22 -0.35 3.88 2.85
N TYR A 23 0.16 2.83 3.49
CA TYR A 23 1.56 2.79 3.89
C TYR A 23 2.27 1.61 3.24
N CYS A 24 3.60 1.60 3.34
CA CYS A 24 4.41 0.53 2.77
C CYS A 24 5.21 -0.19 3.84
N PHE A 25 5.08 -1.50 3.89
CA PHE A 25 5.80 -2.32 4.88
C PHE A 25 6.66 -3.37 4.19
N LYS A 26 7.88 -3.54 4.69
CA LYS A 26 8.81 -4.52 4.12
C LYS A 26 8.16 -5.90 4.06
N TYR A 1 -5.45 7.16 -0.20
CA TYR A 1 -6.25 6.24 -1.00
C TYR A 1 -5.94 4.79 -0.64
N THR A 2 -6.63 3.86 -1.29
CA THR A 2 -6.42 2.44 -1.05
C THR A 2 -5.44 1.85 -2.05
N CYS A 3 -5.05 0.60 -1.83
CA CYS A 3 -4.11 -0.08 -2.71
C CYS A 3 -4.82 -0.68 -3.92
N GLY A 4 -4.16 -0.62 -5.07
CA GLY A 4 -4.75 -1.16 -6.29
C GLY A 4 -4.56 -0.23 -7.48
N PRO A 5 -5.35 0.85 -7.51
CA PRO A 5 -5.29 1.84 -8.60
C PRO A 5 -4.00 2.65 -8.57
N LEU A 6 -3.65 3.17 -7.40
CA LEU A 6 -2.45 3.97 -7.24
C LEU A 6 -1.21 3.08 -7.17
N PHE A 7 -0.04 3.70 -7.22
CA PHE A 7 1.22 2.97 -7.17
C PHE A 7 1.30 2.13 -5.89
N GLN A 8 1.83 0.91 -6.04
CA GLN A 8 1.97 0.01 -4.90
C GLN A 8 3.43 -0.40 -4.70
N CYS A 9 3.73 -0.96 -3.53
CA CYS A 9 5.08 -1.40 -3.22
C CYS A 9 5.53 -2.50 -4.17
N PRO A 10 6.85 -2.61 -4.37
CA PRO A 10 7.44 -3.63 -5.25
C PRO A 10 7.30 -5.04 -4.68
N ALA A 11 7.65 -6.04 -5.50
CA ALA A 11 7.57 -7.43 -5.08
C ALA A 11 8.25 -7.63 -3.73
N GLY A 12 7.59 -8.38 -2.85
CA GLY A 12 8.15 -8.64 -1.53
C GLY A 12 7.60 -7.71 -0.48
N GLN A 13 7.21 -6.51 -0.89
CA GLN A 13 6.67 -5.52 0.03
C GLN A 13 5.14 -5.49 -0.04
N TYR A 14 4.51 -5.14 1.08
CA TYR A 14 3.06 -5.08 1.15
C TYR A 14 2.60 -3.76 1.76
N CYS A 15 1.50 -3.23 1.24
CA CYS A 15 0.95 -1.97 1.74
C CYS A 15 -0.09 -2.22 2.83
N GLN A 16 -0.32 -1.21 3.66
CA GLN A 16 -1.28 -1.32 4.75
C GLN A 16 -2.32 -0.21 4.66
N ASP A 17 -3.60 -0.59 4.62
CA ASP A 17 -4.69 0.36 4.54
C ASP A 17 -5.18 0.75 5.93
N LYS A 18 -5.17 2.06 6.21
CA LYS A 18 -5.61 2.57 7.51
C LYS A 18 -6.46 3.82 7.33
N ASP A 19 -7.77 3.65 7.44
CA ASP A 19 -8.70 4.77 7.31
C ASP A 19 -8.45 5.52 6.00
N GLY A 20 -8.09 4.79 4.96
CA GLY A 20 -7.82 5.41 3.67
C GLY A 20 -6.33 5.64 3.44
N THR A 21 -5.56 5.64 4.51
CA THR A 21 -4.12 5.85 4.41
C THR A 21 -3.41 4.61 3.89
N GLY A 22 -2.20 4.80 3.37
CA GLY A 22 -1.44 3.68 2.85
C GLY A 22 0.01 3.69 3.31
N TYR A 23 0.40 2.67 4.06
CA TYR A 23 1.76 2.57 4.56
C TYR A 23 2.48 1.37 3.96
N CYS A 24 3.68 1.61 3.44
CA CYS A 24 4.48 0.55 2.83
C CYS A 24 5.30 -0.19 3.87
N PHE A 25 5.13 -1.50 3.94
CA PHE A 25 5.85 -2.32 4.89
C PHE A 25 6.69 -3.39 4.18
N LYS A 26 7.92 -3.58 4.67
CA LYS A 26 8.82 -4.58 4.08
C LYS A 26 8.14 -5.93 3.98
N TYR A 1 -5.10 8.08 -0.83
CA TYR A 1 -5.75 6.89 -1.37
C TYR A 1 -5.05 5.62 -0.89
N THR A 2 -5.73 4.48 -1.03
CA THR A 2 -5.18 3.20 -0.60
C THR A 2 -4.48 2.50 -1.75
N CYS A 3 -3.79 1.41 -1.44
CA CYS A 3 -3.08 0.64 -2.45
C CYS A 3 -4.04 0.00 -3.44
N GLY A 4 -3.61 -0.08 -4.70
CA GLY A 4 -4.46 -0.66 -5.73
C GLY A 4 -4.56 0.20 -6.97
N PRO A 5 -5.27 1.33 -6.85
CA PRO A 5 -5.45 2.27 -7.96
C PRO A 5 -4.17 3.01 -8.31
N LEU A 6 -3.35 3.28 -7.30
CA LEU A 6 -2.09 3.98 -7.50
C LEU A 6 -0.90 3.01 -7.42
N PHE A 7 0.30 3.53 -7.66
CA PHE A 7 1.51 2.71 -7.62
C PHE A 7 1.59 1.94 -6.31
N GLN A 8 1.91 0.65 -6.41
CA GLN A 8 2.02 -0.20 -5.23
C GLN A 8 3.47 -0.57 -4.96
N CYS A 9 3.73 -1.17 -3.80
CA CYS A 9 5.08 -1.58 -3.43
C CYS A 9 5.57 -2.73 -4.30
N PRO A 10 6.90 -2.83 -4.45
CA PRO A 10 7.52 -3.88 -5.26
C PRO A 10 7.38 -5.26 -4.63
N ALA A 11 7.76 -6.29 -5.38
CA ALA A 11 7.68 -7.66 -4.89
C ALA A 11 8.33 -7.79 -3.52
N GLY A 12 7.66 -8.47 -2.61
CA GLY A 12 8.19 -8.67 -1.28
C GLY A 12 7.59 -7.70 -0.27
N GLN A 13 7.18 -6.53 -0.74
CA GLN A 13 6.59 -5.51 0.12
C GLN A 13 5.07 -5.55 0.02
N TYR A 14 4.41 -5.16 1.11
CA TYR A 14 2.95 -5.14 1.15
C TYR A 14 2.43 -3.80 1.67
N CYS A 15 1.31 -3.36 1.12
CA CYS A 15 0.71 -2.08 1.53
C CYS A 15 -0.12 -2.27 2.80
N GLN A 16 -0.35 -1.16 3.51
CA GLN A 16 -1.13 -1.19 4.75
C GLN A 16 -2.26 -0.17 4.69
N ASP A 17 -3.48 -0.64 4.94
CA ASP A 17 -4.64 0.23 4.92
C ASP A 17 -4.96 0.75 6.32
N LYS A 18 -5.06 2.06 6.45
CA LYS A 18 -5.35 2.69 7.74
C LYS A 18 -6.35 3.84 7.58
N ASP A 19 -7.62 3.56 7.90
CA ASP A 19 -8.66 4.57 7.79
C ASP A 19 -8.67 5.20 6.40
N GLY A 20 -8.37 4.39 5.39
CA GLY A 20 -8.34 4.88 4.02
C GLY A 20 -6.94 5.20 3.54
N THR A 21 -6.02 5.38 4.48
CA THR A 21 -4.64 5.70 4.16
C THR A 21 -3.90 4.46 3.65
N GLY A 22 -2.85 4.70 2.87
CA GLY A 22 -2.07 3.60 2.33
C GLY A 22 -0.58 3.77 2.57
N TYR A 23 0.01 2.84 3.31
CA TYR A 23 1.44 2.90 3.62
C TYR A 23 2.17 1.69 3.03
N CYS A 24 3.49 1.75 3.04
CA CYS A 24 4.31 0.66 2.51
C CYS A 24 5.08 -0.03 3.63
N PHE A 25 4.93 -1.35 3.72
CA PHE A 25 5.61 -2.13 4.74
C PHE A 25 6.51 -3.19 4.11
N LYS A 26 7.69 -3.37 4.69
CA LYS A 26 8.65 -4.34 4.17
C LYS A 26 8.04 -5.74 4.15
N TYR A 1 -5.31 7.67 -0.56
CA TYR A 1 -5.93 6.63 -1.39
C TYR A 1 -5.51 5.24 -0.90
N THR A 2 -6.25 4.22 -1.35
CA THR A 2 -5.97 2.85 -0.96
C THR A 2 -5.17 2.13 -2.04
N CYS A 3 -4.71 0.92 -1.73
CA CYS A 3 -3.95 0.12 -2.68
C CYS A 3 -4.82 -0.39 -3.82
N GLY A 4 -4.30 -0.33 -5.04
CA GLY A 4 -5.05 -0.78 -6.18
C GLY A 4 -4.97 0.18 -7.35
N PRO A 5 -5.69 1.31 -7.24
CA PRO A 5 -5.71 2.34 -8.28
C PRO A 5 -4.38 3.08 -8.40
N LEU A 6 -3.75 3.35 -7.26
CA LEU A 6 -2.47 4.05 -7.24
C LEU A 6 -1.32 3.06 -7.16
N PHE A 7 -0.10 3.55 -7.40
CA PHE A 7 1.09 2.72 -7.36
C PHE A 7 1.16 1.94 -6.05
N GLN A 8 1.89 0.83 -6.06
CA GLN A 8 2.04 -0.01 -4.88
C GLN A 8 3.51 -0.36 -4.64
N CYS A 9 3.76 -1.13 -3.59
CA CYS A 9 5.12 -1.54 -3.25
C CYS A 9 5.59 -2.66 -4.18
N PRO A 10 6.92 -2.76 -4.36
CA PRO A 10 7.54 -3.78 -5.21
C PRO A 10 7.41 -5.18 -4.61
N ALA A 11 7.78 -6.18 -5.40
CA ALA A 11 7.72 -7.57 -4.94
C ALA A 11 8.40 -7.73 -3.59
N GLY A 12 7.75 -8.45 -2.68
CA GLY A 12 8.30 -8.66 -1.36
C GLY A 12 7.75 -7.71 -0.33
N GLN A 13 7.34 -6.53 -0.77
CA GLN A 13 6.78 -5.52 0.13
C GLN A 13 5.26 -5.52 0.05
N TYR A 14 4.62 -5.17 1.16
CA TYR A 14 3.17 -5.12 1.24
C TYR A 14 2.68 -3.80 1.81
N CYS A 15 1.58 -3.29 1.29
CA CYS A 15 1.02 -2.03 1.75
C CYS A 15 -0.02 -2.27 2.84
N GLN A 16 -0.27 -1.24 3.66
CA GLN A 16 -1.24 -1.34 4.74
C GLN A 16 -2.29 -0.25 4.63
N ASP A 17 -3.56 -0.65 4.62
CA ASP A 17 -4.66 0.29 4.52
C ASP A 17 -5.15 0.71 5.90
N LYS A 18 -5.17 2.01 6.14
CA LYS A 18 -5.61 2.55 7.42
C LYS A 18 -6.50 3.77 7.24
N ASP A 19 -7.81 3.57 7.33
CA ASP A 19 -8.76 4.66 7.17
C ASP A 19 -8.52 5.41 5.86
N GLY A 20 -8.11 4.67 4.83
CA GLY A 20 -7.85 5.28 3.54
C GLY A 20 -6.37 5.53 3.31
N THR A 21 -5.60 5.55 4.40
CA THR A 21 -4.17 5.79 4.31
C THR A 21 -3.43 4.54 3.84
N GLY A 22 -2.27 4.74 3.21
CA GLY A 22 -1.49 3.62 2.72
C GLY A 22 -0.04 3.68 3.18
N TYR A 23 0.38 2.66 3.93
CA TYR A 23 1.75 2.61 4.43
C TYR A 23 2.49 1.40 3.86
N CYS A 24 3.68 1.63 3.32
CA CYS A 24 4.49 0.57 2.74
C CYS A 24 5.32 -0.13 3.81
N PHE A 25 5.16 -1.45 3.92
CA PHE A 25 5.89 -2.23 4.90
C PHE A 25 6.76 -3.29 4.22
N LYS A 26 7.97 -3.47 4.72
CA LYS A 26 8.89 -4.44 4.16
C LYS A 26 8.26 -5.82 4.10
N TYR A 1 -7.71 8.03 -2.31
CA TYR A 1 -7.45 6.77 -3.01
C TYR A 1 -6.72 5.79 -2.12
N THR A 2 -7.23 4.56 -2.04
CA THR A 2 -6.62 3.53 -1.21
C THR A 2 -5.67 2.68 -2.04
N CYS A 3 -4.94 1.79 -1.35
CA CYS A 3 -3.98 0.92 -2.02
C CYS A 3 -4.69 0.01 -3.02
N GLY A 4 -4.21 0.03 -4.26
CA GLY A 4 -4.82 -0.80 -5.29
C GLY A 4 -4.56 -0.25 -6.68
N PRO A 5 -5.30 0.80 -7.05
CA PRO A 5 -5.17 1.44 -8.38
C PRO A 5 -3.85 2.18 -8.53
N LEU A 6 -3.51 3.00 -7.54
CA LEU A 6 -2.28 3.76 -7.57
C LEU A 6 -1.06 2.86 -7.37
N PHE A 7 0.12 3.39 -7.66
CA PHE A 7 1.36 2.64 -7.52
C PHE A 7 1.50 2.08 -6.11
N GLN A 8 2.09 0.90 -6.00
CA GLN A 8 2.28 0.26 -4.70
C GLN A 8 3.72 -0.22 -4.53
N CYS A 9 4.01 -0.85 -3.40
CA CYS A 9 5.35 -1.34 -3.11
C CYS A 9 5.74 -2.43 -4.10
N PRO A 10 7.05 -2.60 -4.31
CA PRO A 10 7.60 -3.60 -5.23
C PRO A 10 7.41 -5.02 -4.69
N ALA A 11 7.72 -6.01 -5.54
CA ALA A 11 7.59 -7.40 -5.16
C ALA A 11 8.23 -7.67 -3.80
N GLY A 12 7.54 -8.43 -2.95
CA GLY A 12 8.06 -8.73 -1.63
C GLY A 12 7.49 -7.82 -0.56
N GLN A 13 7.13 -6.62 -0.94
CA GLN A 13 6.57 -5.64 0.00
C GLN A 13 5.05 -5.58 -0.12
N TYR A 14 4.39 -5.28 0.99
CA TYR A 14 2.94 -5.20 1.01
C TYR A 14 2.48 -3.87 1.60
N CYS A 15 1.39 -3.32 1.06
CA CYS A 15 0.84 -2.07 1.54
C CYS A 15 -0.10 -2.28 2.71
N GLN A 16 -0.31 -1.23 3.50
CA GLN A 16 -1.18 -1.31 4.67
C GLN A 16 -2.25 -0.22 4.61
N ASP A 17 -3.51 -0.65 4.62
CA ASP A 17 -4.63 0.30 4.56
C ASP A 17 -5.07 0.70 5.97
N LYS A 18 -5.16 1.99 6.21
CA LYS A 18 -5.56 2.51 7.51
C LYS A 18 -6.46 3.74 7.35
N ASP A 19 -7.76 3.53 7.51
CA ASP A 19 -8.73 4.61 7.38
C ASP A 19 -8.55 5.36 6.07
N GLY A 20 -8.23 4.61 5.00
CA GLY A 20 -8.04 5.22 3.71
C GLY A 20 -6.58 5.51 3.41
N THR A 21 -5.76 5.54 4.46
CA THR A 21 -4.34 5.80 4.31
C THR A 21 -3.62 4.59 3.73
N GLY A 22 -2.50 4.84 3.05
CA GLY A 22 -1.72 3.76 2.46
C GLY A 22 -0.27 3.80 2.86
N TYR A 23 0.19 2.77 3.56
CA TYR A 23 1.58 2.69 4.00
C TYR A 23 2.30 1.53 3.32
N CYS A 24 3.62 1.50 3.46
CA CYS A 24 4.44 0.45 2.87
C CYS A 24 5.16 -0.35 3.95
N PHE A 25 5.06 -1.67 3.87
CA PHE A 25 5.71 -2.55 4.85
C PHE A 25 6.54 -3.61 4.14
N LYS A 26 7.75 -3.85 4.65
CA LYS A 26 8.65 -4.84 4.08
C LYS A 26 7.96 -6.20 3.95
N TYR A 1 -5.98 6.89 -0.35
CA TYR A 1 -6.55 5.91 -1.26
C TYR A 1 -6.06 4.50 -0.93
N THR A 2 -6.71 3.50 -1.52
CA THR A 2 -6.33 2.11 -1.28
C THR A 2 -5.36 1.62 -2.35
N CYS A 3 -4.84 0.41 -2.15
CA CYS A 3 -3.89 -0.18 -3.08
C CYS A 3 -4.62 -0.75 -4.30
N GLY A 4 -3.96 -0.70 -5.46
CA GLY A 4 -4.56 -1.21 -6.67
C GLY A 4 -4.51 -0.21 -7.81
N PRO A 5 -5.36 0.83 -7.73
CA PRO A 5 -5.42 1.88 -8.75
C PRO A 5 -4.17 2.77 -8.77
N LEU A 6 -3.65 3.06 -7.58
CA LEU A 6 -2.45 3.89 -7.46
C LEU A 6 -1.20 3.02 -7.35
N PHE A 7 -0.04 3.68 -7.33
CA PHE A 7 1.23 2.97 -7.24
C PHE A 7 1.31 2.17 -5.94
N GLN A 8 1.88 0.98 -6.02
CA GLN A 8 2.01 0.11 -4.84
C GLN A 8 3.47 -0.30 -4.63
N CYS A 9 3.72 -0.97 -3.52
CA CYS A 9 5.08 -1.41 -3.19
C CYS A 9 5.52 -2.53 -4.15
N PRO A 10 6.85 -2.64 -4.33
CA PRO A 10 7.43 -3.66 -5.21
C PRO A 10 7.29 -5.07 -4.66
N ALA A 11 7.64 -6.07 -5.46
CA ALA A 11 7.54 -7.46 -5.05
C ALA A 11 8.21 -7.67 -3.70
N GLY A 12 7.55 -8.43 -2.83
CA GLY A 12 8.10 -8.69 -1.51
C GLY A 12 7.55 -7.76 -0.45
N GLN A 13 7.17 -6.55 -0.87
CA GLN A 13 6.62 -5.56 0.05
C GLN A 13 5.10 -5.53 -0.02
N TYR A 14 4.48 -5.14 1.08
CA TYR A 14 3.02 -5.06 1.15
C TYR A 14 2.57 -3.76 1.80
N CYS A 15 1.49 -3.18 1.26
CA CYS A 15 0.95 -1.93 1.78
C CYS A 15 -0.08 -2.20 2.87
N GLN A 16 -0.31 -1.20 3.72
CA GLN A 16 -1.28 -1.32 4.80
C GLN A 16 -2.32 -0.21 4.74
N ASP A 17 -3.59 -0.58 4.75
CA ASP A 17 -4.68 0.38 4.70
C ASP A 17 -5.12 0.77 6.11
N LYS A 18 -5.12 2.08 6.38
CA LYS A 18 -5.52 2.59 7.68
C LYS A 18 -6.39 3.84 7.53
N ASP A 19 -7.70 3.65 7.67
CA ASP A 19 -8.64 4.76 7.56
C ASP A 19 -8.44 5.51 6.24
N GLY A 20 -8.12 4.78 5.18
CA GLY A 20 -7.90 5.39 3.88
C GLY A 20 -6.43 5.64 3.61
N THR A 21 -5.62 5.65 4.66
CA THR A 21 -4.19 5.88 4.53
C THR A 21 -3.48 4.63 4.00
N GLY A 22 -2.28 4.83 3.45
CA GLY A 22 -1.52 3.71 2.92
C GLY A 22 -0.07 3.75 3.35
N TYR A 23 0.37 2.72 4.06
CA TYR A 23 1.74 2.64 4.53
C TYR A 23 2.46 1.43 3.92
N CYS A 24 3.65 1.68 3.36
CA CYS A 24 4.43 0.62 2.75
C CYS A 24 5.23 -0.14 3.79
N PHE A 25 5.03 -1.45 3.85
CA PHE A 25 5.73 -2.30 4.81
C PHE A 25 6.61 -3.32 4.10
N LYS A 26 7.74 -3.65 4.71
CA LYS A 26 8.67 -4.62 4.13
C LYS A 26 8.02 -5.99 4.02
N TYR A 1 -5.36 7.38 0.20
CA TYR A 1 -5.94 6.42 -0.73
C TYR A 1 -5.50 5.00 -0.40
N THR A 2 -6.25 4.02 -0.91
CA THR A 2 -5.93 2.61 -0.67
C THR A 2 -5.06 2.05 -1.79
N CYS A 3 -4.24 1.06 -1.46
CA CYS A 3 -3.36 0.43 -2.44
C CYS A 3 -4.17 -0.26 -3.53
N GLY A 4 -3.69 -0.17 -4.77
CA GLY A 4 -4.38 -0.78 -5.88
C GLY A 4 -4.27 0.02 -7.15
N PRO A 5 -5.03 1.13 -7.23
CA PRO A 5 -5.04 2.02 -8.39
C PRO A 5 -3.74 2.79 -8.54
N LEU A 6 -3.23 3.32 -7.42
CA LEU A 6 -1.99 4.08 -7.42
C LEU A 6 -0.78 3.15 -7.37
N PHE A 7 0.41 3.75 -7.44
CA PHE A 7 1.64 2.98 -7.41
C PHE A 7 1.67 2.06 -6.19
N GLN A 8 2.02 0.79 -6.42
CA GLN A 8 2.07 -0.20 -5.35
C GLN A 8 3.52 -0.58 -5.06
N CYS A 9 3.76 -1.14 -3.88
CA CYS A 9 5.09 -1.56 -3.48
C CYS A 9 5.58 -2.72 -4.34
N PRO A 10 6.91 -2.84 -4.46
CA PRO A 10 7.54 -3.90 -5.25
C PRO A 10 7.37 -5.28 -4.62
N ALA A 11 7.75 -6.32 -5.35
CA ALA A 11 7.65 -7.69 -4.86
C ALA A 11 8.27 -7.82 -3.47
N GLY A 12 7.57 -8.54 -2.58
CA GLY A 12 8.07 -8.72 -1.23
C GLY A 12 7.47 -7.73 -0.25
N GLN A 13 7.09 -6.56 -0.76
CA GLN A 13 6.51 -5.52 0.09
C GLN A 13 4.99 -5.53 -0.03
N TYR A 14 4.31 -5.14 1.05
CA TYR A 14 2.86 -5.10 1.07
C TYR A 14 2.36 -3.76 1.61
N CYS A 15 1.25 -3.29 1.07
CA CYS A 15 0.66 -2.02 1.49
C CYS A 15 -0.13 -2.20 2.79
N GLN A 16 -0.33 -1.11 3.51
CA GLN A 16 -1.07 -1.15 4.76
C GLN A 16 -2.22 -0.14 4.76
N ASP A 17 -3.42 -0.61 5.05
CA ASP A 17 -4.60 0.25 5.07
C ASP A 17 -4.85 0.80 6.48
N LYS A 18 -4.97 2.11 6.59
CA LYS A 18 -5.21 2.75 7.88
C LYS A 18 -6.22 3.89 7.74
N ASP A 19 -7.46 3.60 8.12
CA ASP A 19 -8.54 4.59 8.05
C ASP A 19 -8.61 5.19 6.65
N GLY A 20 -8.40 4.36 5.64
CA GLY A 20 -8.46 4.83 4.26
C GLY A 20 -7.08 5.16 3.70
N THR A 21 -6.12 5.36 4.60
CA THR A 21 -4.76 5.70 4.20
C THR A 21 -4.03 4.46 3.67
N GLY A 22 -2.96 4.70 2.92
CA GLY A 22 -2.18 3.60 2.37
C GLY A 22 -0.70 3.80 2.52
N TYR A 23 -0.05 2.90 3.26
CA TYR A 23 1.39 2.99 3.49
C TYR A 23 2.11 1.78 2.90
N CYS A 24 3.44 1.85 2.85
CA CYS A 24 4.24 0.76 2.32
C CYS A 24 4.96 0.02 3.44
N PHE A 25 4.70 -1.27 3.55
CA PHE A 25 5.33 -2.09 4.58
C PHE A 25 6.28 -3.10 3.96
N LYS A 26 7.37 -3.38 4.67
CA LYS A 26 8.37 -4.34 4.19
C LYS A 26 7.79 -5.75 4.15
N TYR A 1 -5.62 7.23 0.80
CA TYR A 1 -5.82 6.42 -0.40
C TYR A 1 -5.43 4.97 -0.14
N THR A 2 -6.19 4.05 -0.73
CA THR A 2 -5.93 2.62 -0.57
C THR A 2 -5.06 2.09 -1.70
N CYS A 3 -4.28 1.06 -1.41
CA CYS A 3 -3.40 0.46 -2.41
C CYS A 3 -4.22 -0.21 -3.51
N GLY A 4 -3.70 -0.14 -4.75
CA GLY A 4 -4.39 -0.75 -5.87
C GLY A 4 -4.29 0.08 -7.13
N PRO A 5 -5.07 1.18 -7.18
CA PRO A 5 -5.08 2.09 -8.34
C PRO A 5 -3.78 2.88 -8.47
N LEU A 6 -3.26 3.33 -7.33
CA LEU A 6 -2.01 4.10 -7.32
C LEU A 6 -0.80 3.17 -7.30
N PHE A 7 0.39 3.77 -7.36
CA PHE A 7 1.62 3.00 -7.34
C PHE A 7 1.66 2.06 -6.15
N GLN A 8 2.00 0.79 -6.40
CA GLN A 8 2.08 -0.21 -5.34
C GLN A 8 3.53 -0.59 -5.06
N CYS A 9 3.76 -1.16 -3.87
CA CYS A 9 5.10 -1.57 -3.48
C CYS A 9 5.58 -2.75 -4.34
N PRO A 10 6.91 -2.87 -4.47
CA PRO A 10 7.53 -3.93 -5.26
C PRO A 10 7.36 -5.30 -4.60
N ALA A 11 7.74 -6.35 -5.33
CA ALA A 11 7.65 -7.72 -4.82
C ALA A 11 8.26 -7.83 -3.43
N GLY A 12 7.59 -8.56 -2.54
CA GLY A 12 8.09 -8.73 -1.19
C GLY A 12 7.49 -7.74 -0.22
N GLN A 13 7.10 -6.57 -0.73
CA GLN A 13 6.52 -5.53 0.11
C GLN A 13 4.99 -5.54 -0.01
N TYR A 14 4.32 -5.13 1.06
CA TYR A 14 2.86 -5.10 1.08
C TYR A 14 2.36 -3.76 1.61
N CYS A 15 1.24 -3.29 1.06
CA CYS A 15 0.65 -2.02 1.46
C CYS A 15 -0.12 -2.17 2.77
N GLN A 16 -0.31 -1.07 3.48
CA GLN A 16 -1.04 -1.08 4.74
C GLN A 16 -2.20 -0.11 4.72
N ASP A 17 -3.39 -0.60 5.04
CA ASP A 17 -4.58 0.24 5.05
C ASP A 17 -4.85 0.78 6.45
N LYS A 18 -4.97 2.10 6.57
CA LYS A 18 -5.22 2.74 7.84
C LYS A 18 -6.25 3.86 7.70
N ASP A 19 -7.49 3.57 8.07
CA ASP A 19 -8.57 4.55 7.99
C ASP A 19 -8.65 5.14 6.59
N GLY A 20 -8.37 4.31 5.58
CA GLY A 20 -8.43 4.77 4.21
C GLY A 20 -7.05 5.10 3.66
N THR A 21 -6.09 5.34 4.55
CA THR A 21 -4.74 5.68 4.15
C THR A 21 -4.00 4.44 3.64
N GLY A 22 -2.94 4.68 2.85
CA GLY A 22 -2.17 3.58 2.31
C GLY A 22 -0.67 3.79 2.46
N TYR A 23 -0.03 2.90 3.20
CA TYR A 23 1.41 3.00 3.45
C TYR A 23 2.14 1.78 2.87
N CYS A 24 3.46 1.87 2.82
CA CYS A 24 4.28 0.78 2.29
C CYS A 24 5.00 0.06 3.41
N PHE A 25 4.74 -1.24 3.55
CA PHE A 25 5.37 -2.04 4.58
C PHE A 25 6.32 -3.07 3.97
N LYS A 26 7.42 -3.34 4.66
CA LYS A 26 8.41 -4.30 4.19
C LYS A 26 7.83 -5.71 4.16
N TYR A 1 -8.67 6.31 -0.49
CA TYR A 1 -8.14 5.50 -1.58
C TYR A 1 -7.39 4.29 -1.03
N THR A 2 -7.74 3.10 -1.54
CA THR A 2 -7.11 1.87 -1.10
C THR A 2 -6.05 1.41 -2.11
N CYS A 3 -5.29 0.39 -1.73
CA CYS A 3 -4.25 -0.15 -2.60
C CYS A 3 -4.86 -0.73 -3.88
N GLY A 4 -4.11 -0.62 -4.98
CA GLY A 4 -4.59 -1.14 -6.24
C GLY A 4 -4.49 -0.13 -7.37
N PRO A 5 -5.39 0.86 -7.36
CA PRO A 5 -5.42 1.92 -8.39
C PRO A 5 -4.23 2.87 -8.26
N LEU A 6 -3.79 3.10 -7.03
CA LEU A 6 -2.67 4.00 -6.77
C LEU A 6 -1.36 3.22 -6.72
N PHE A 7 -0.26 3.95 -6.57
CA PHE A 7 1.06 3.32 -6.50
C PHE A 7 1.11 2.25 -5.42
N GLN A 8 1.92 1.23 -5.64
CA GLN A 8 2.05 0.13 -4.69
C GLN A 8 3.52 -0.21 -4.46
N CYS A 9 3.77 -1.16 -3.56
CA CYS A 9 5.13 -1.58 -3.24
C CYS A 9 5.58 -2.69 -4.19
N PRO A 10 6.90 -2.79 -4.39
CA PRO A 10 7.49 -3.81 -5.27
C PRO A 10 7.37 -5.21 -4.70
N ALA A 11 7.72 -6.20 -5.50
CA ALA A 11 7.66 -7.61 -5.08
C ALA A 11 8.35 -7.80 -3.73
N GLY A 12 7.67 -8.48 -2.82
CA GLY A 12 8.25 -8.73 -1.50
C GLY A 12 7.68 -7.79 -0.45
N GLN A 13 7.27 -6.60 -0.87
CA GLN A 13 6.72 -5.62 0.05
C GLN A 13 5.20 -5.57 -0.06
N TYR A 14 4.55 -5.18 1.03
CA TYR A 14 3.09 -5.09 1.06
C TYR A 14 2.64 -3.78 1.70
N CYS A 15 1.56 -3.21 1.16
CA CYS A 15 1.03 -1.95 1.67
C CYS A 15 -0.04 -2.21 2.73
N GLN A 16 -0.27 -1.21 3.56
CA GLN A 16 -1.27 -1.32 4.63
C GLN A 16 -2.30 -0.21 4.52
N ASP A 17 -3.58 -0.59 4.52
CA ASP A 17 -4.67 0.37 4.42
C ASP A 17 -5.14 0.79 5.82
N LYS A 18 -5.13 2.10 6.07
CA LYS A 18 -5.56 2.63 7.36
C LYS A 18 -6.42 3.86 7.18
N ASP A 19 -7.73 3.68 7.29
CA ASP A 19 -8.67 4.79 7.15
C ASP A 19 -8.44 5.53 5.83
N GLY A 20 -8.11 4.77 4.78
CA GLY A 20 -7.86 5.37 3.48
C GLY A 20 -6.40 5.62 3.22
N THR A 21 -5.61 5.64 4.29
CA THR A 21 -4.17 5.86 4.18
C THR A 21 -3.45 4.62 3.69
N GLY A 22 -2.24 4.80 3.16
CA GLY A 22 -1.48 3.67 2.67
C GLY A 22 -0.02 3.72 3.12
N TYR A 23 0.39 2.69 3.85
CA TYR A 23 1.77 2.63 4.35
C TYR A 23 2.50 1.41 3.77
N CYS A 24 3.68 1.66 3.24
CA CYS A 24 4.48 0.60 2.64
C CYS A 24 5.32 -0.11 3.71
N PHE A 25 5.14 -1.41 3.83
CA PHE A 25 5.88 -2.20 4.81
C PHE A 25 6.69 -3.31 4.13
N LYS A 26 7.90 -3.52 4.60
CA LYS A 26 8.77 -4.54 4.03
C LYS A 26 8.05 -5.88 3.93
N TYR A 1 -8.09 7.53 -1.21
CA TYR A 1 -7.88 6.38 -2.08
C TYR A 1 -7.10 5.29 -1.35
N THR A 2 -7.56 4.05 -1.49
CA THR A 2 -6.92 2.91 -0.85
C THR A 2 -5.92 2.25 -1.79
N CYS A 3 -5.15 1.30 -1.26
CA CYS A 3 -4.16 0.59 -2.06
C CYS A 3 -4.82 -0.16 -3.20
N GLY A 4 -4.11 -0.27 -4.32
CA GLY A 4 -4.65 -0.97 -5.48
C GLY A 4 -4.51 -0.16 -6.76
N PRO A 5 -5.37 0.87 -6.92
CA PRO A 5 -5.37 1.74 -8.10
C PRO A 5 -4.13 2.63 -8.14
N LEU A 6 -3.71 3.10 -6.98
CA LEU A 6 -2.54 3.98 -6.89
C LEU A 6 -1.25 3.16 -6.83
N PHE A 7 -0.12 3.85 -6.83
CA PHE A 7 1.18 3.19 -6.78
C PHE A 7 1.24 2.22 -5.60
N GLN A 8 1.95 1.11 -5.80
CA GLN A 8 2.09 0.09 -4.77
C GLN A 8 3.55 -0.25 -4.53
N CYS A 9 3.80 -1.18 -3.62
CA CYS A 9 5.16 -1.60 -3.31
C CYS A 9 5.62 -2.71 -4.24
N PRO A 10 6.94 -2.82 -4.44
CA PRO A 10 7.53 -3.84 -5.31
C PRO A 10 7.41 -5.24 -4.74
N ALA A 11 7.76 -6.25 -5.53
CA ALA A 11 7.70 -7.63 -5.10
C ALA A 11 8.39 -7.82 -3.75
N GLY A 12 7.71 -8.50 -2.83
CA GLY A 12 8.28 -8.74 -1.52
C GLY A 12 7.71 -7.79 -0.47
N GLN A 13 7.30 -6.61 -0.90
CA GLN A 13 6.74 -5.62 0.02
C GLN A 13 5.21 -5.58 -0.10
N TYR A 14 4.56 -5.18 0.99
CA TYR A 14 3.11 -5.10 1.02
C TYR A 14 2.64 -3.79 1.64
N CYS A 15 1.56 -3.24 1.10
CA CYS A 15 1.02 -1.99 1.61
C CYS A 15 -0.05 -2.24 2.68
N GLN A 16 -0.30 -1.24 3.51
CA GLN A 16 -1.29 -1.35 4.57
C GLN A 16 -2.33 -0.25 4.46
N ASP A 17 -3.60 -0.65 4.46
CA ASP A 17 -4.71 0.31 4.35
C ASP A 17 -5.18 0.73 5.73
N LYS A 18 -5.20 2.04 5.97
CA LYS A 18 -5.64 2.58 7.26
C LYS A 18 -6.52 3.81 7.06
N ASP A 19 -7.84 3.62 7.17
CA ASP A 19 -8.78 4.71 7.01
C ASP A 19 -8.56 5.44 5.69
N GLY A 20 -8.19 4.68 4.66
CA GLY A 20 -7.94 5.26 3.35
C GLY A 20 -6.46 5.52 3.10
N THR A 21 -5.68 5.56 4.17
CA THR A 21 -4.24 5.80 4.06
C THR A 21 -3.52 4.55 3.58
N GLY A 22 -2.31 4.74 3.05
CA GLY A 22 -1.53 3.62 2.56
C GLY A 22 -0.08 3.68 3.01
N TYR A 23 0.34 2.68 3.77
CA TYR A 23 1.71 2.63 4.27
C TYR A 23 2.45 1.43 3.69
N CYS A 24 3.64 1.67 3.16
CA CYS A 24 4.45 0.61 2.58
C CYS A 24 5.30 -0.09 3.64
N PHE A 25 5.13 -1.39 3.77
CA PHE A 25 5.87 -2.17 4.75
C PHE A 25 6.67 -3.27 4.07
N LYS A 26 7.90 -3.48 4.54
CA LYS A 26 8.78 -4.50 3.98
C LYS A 26 8.06 -5.84 3.89
N TYR A 1 -7.10 6.90 -0.22
CA TYR A 1 -7.27 5.88 -1.25
C TYR A 1 -6.62 4.56 -0.83
N THR A 2 -7.23 3.46 -1.26
CA THR A 2 -6.72 2.14 -0.92
C THR A 2 -5.80 1.60 -2.02
N CYS A 3 -5.12 0.51 -1.73
CA CYS A 3 -4.20 -0.11 -2.68
C CYS A 3 -4.95 -0.58 -3.93
N GLY A 4 -4.30 -0.47 -5.08
CA GLY A 4 -4.91 -0.89 -6.32
C GLY A 4 -4.76 0.15 -7.43
N PRO A 5 -5.53 1.24 -7.33
CA PRO A 5 -5.49 2.33 -8.32
C PRO A 5 -4.18 3.11 -8.26
N LEU A 6 -3.70 3.37 -7.06
CA LEU A 6 -2.45 4.11 -6.87
C LEU A 6 -1.26 3.17 -6.91
N PHE A 7 -0.05 3.75 -6.85
CA PHE A 7 1.17 2.96 -6.87
C PHE A 7 1.21 1.98 -5.69
N GLN A 8 2.04 0.95 -5.82
CA GLN A 8 2.16 -0.06 -4.78
C GLN A 8 3.63 -0.43 -4.56
N CYS A 9 3.89 -1.18 -3.50
CA CYS A 9 5.25 -1.60 -3.17
C CYS A 9 5.71 -2.71 -4.11
N PRO A 10 7.03 -2.82 -4.30
CA PRO A 10 7.63 -3.83 -5.17
C PRO A 10 7.50 -5.24 -4.59
N ALA A 11 7.86 -6.24 -5.39
CA ALA A 11 7.79 -7.63 -4.95
C ALA A 11 8.45 -7.82 -3.59
N GLY A 12 7.78 -8.54 -2.71
CA GLY A 12 8.31 -8.77 -1.38
C GLY A 12 7.72 -7.84 -0.33
N GLN A 13 7.31 -6.65 -0.77
CA GLN A 13 6.73 -5.67 0.12
C GLN A 13 5.21 -5.64 -0.01
N TYR A 14 4.53 -5.23 1.05
CA TYR A 14 3.08 -5.17 1.06
C TYR A 14 2.60 -3.84 1.65
N CYS A 15 1.53 -3.29 1.07
CA CYS A 15 0.98 -2.03 1.54
C CYS A 15 0.00 -2.26 2.69
N GLN A 16 -0.23 -1.22 3.48
CA GLN A 16 -1.14 -1.30 4.62
C GLN A 16 -2.18 -0.18 4.57
N ASP A 17 -3.45 -0.57 4.64
CA ASP A 17 -4.54 0.38 4.60
C ASP A 17 -4.95 0.80 6.01
N LYS A 18 -5.05 2.11 6.22
CA LYS A 18 -5.43 2.64 7.53
C LYS A 18 -6.37 3.83 7.38
N ASP A 19 -7.67 3.58 7.58
CA ASP A 19 -8.67 4.64 7.46
C ASP A 19 -8.54 5.37 6.13
N GLY A 20 -8.18 4.63 5.09
CA GLY A 20 -8.03 5.22 3.78
C GLY A 20 -6.58 5.53 3.44
N THR A 21 -5.74 5.60 4.46
CA THR A 21 -4.32 5.89 4.27
C THR A 21 -3.57 4.68 3.74
N GLY A 22 -2.56 4.93 2.91
CA GLY A 22 -1.78 3.84 2.35
C GLY A 22 -0.32 3.90 2.73
N TYR A 23 0.17 2.85 3.39
CA TYR A 23 1.55 2.80 3.82
C TYR A 23 2.28 1.64 3.16
N CYS A 24 3.61 1.62 3.30
CA CYS A 24 4.43 0.56 2.72
C CYS A 24 5.24 -0.15 3.79
N PHE A 25 5.06 -1.46 3.90
CA PHE A 25 5.78 -2.26 4.88
C PHE A 25 6.61 -3.36 4.20
N LYS A 26 7.83 -3.55 4.69
CA LYS A 26 8.72 -4.56 4.13
C LYS A 26 8.00 -5.91 4.03
N TYR A 1 -4.06 5.77 0.90
CA TYR A 1 -4.97 5.16 -0.06
C TYR A 1 -4.78 3.65 -0.13
N THR A 2 -5.57 3.00 -0.98
CA THR A 2 -5.48 1.55 -1.14
C THR A 2 -4.54 1.17 -2.28
N CYS A 3 -4.26 -0.11 -2.40
CA CYS A 3 -3.38 -0.61 -3.45
C CYS A 3 -4.18 -1.11 -4.65
N GLY A 4 -3.62 -0.95 -5.85
CA GLY A 4 -4.30 -1.38 -7.05
C GLY A 4 -4.37 -0.30 -8.11
N PRO A 5 -5.28 0.67 -7.91
CA PRO A 5 -5.48 1.78 -8.84
C PRO A 5 -4.30 2.75 -8.83
N LEU A 6 -3.69 2.91 -7.66
CA LEU A 6 -2.55 3.82 -7.52
C LEU A 6 -1.25 3.03 -7.30
N PHE A 7 -0.14 3.75 -7.23
CA PHE A 7 1.16 3.12 -7.03
C PHE A 7 1.13 2.16 -5.85
N GLN A 8 2.13 1.28 -5.77
CA GLN A 8 2.22 0.32 -4.69
C GLN A 8 3.65 -0.17 -4.51
N CYS A 9 3.90 -0.83 -3.39
CA CYS A 9 5.23 -1.35 -3.09
C CYS A 9 5.63 -2.45 -4.08
N PRO A 10 6.94 -2.63 -4.27
CA PRO A 10 7.47 -3.64 -5.19
C PRO A 10 7.26 -5.07 -4.67
N ALA A 11 7.56 -6.05 -5.50
CA ALA A 11 7.40 -7.44 -5.13
C ALA A 11 8.05 -7.72 -3.77
N GLY A 12 7.34 -8.46 -2.92
CA GLY A 12 7.87 -8.78 -1.60
C GLY A 12 7.35 -7.85 -0.53
N GLN A 13 7.02 -6.62 -0.92
CA GLN A 13 6.51 -5.63 0.02
C GLN A 13 4.99 -5.52 -0.07
N TYR A 14 4.35 -5.25 1.06
CA TYR A 14 2.90 -5.13 1.11
C TYR A 14 2.49 -3.81 1.76
N CYS A 15 1.43 -3.20 1.24
CA CYS A 15 0.93 -1.94 1.77
C CYS A 15 -0.07 -2.18 2.90
N GLN A 16 -0.26 -1.17 3.74
CA GLN A 16 -1.18 -1.27 4.86
C GLN A 16 -2.20 -0.13 4.83
N ASP A 17 -3.48 -0.50 4.90
CA ASP A 17 -4.55 0.50 4.88
C ASP A 17 -4.97 0.87 6.29
N LYS A 18 -5.04 2.18 6.55
CA LYS A 18 -5.43 2.68 7.86
C LYS A 18 -6.36 3.88 7.74
N ASP A 19 -7.65 3.64 7.91
CA ASP A 19 -8.64 4.71 7.82
C ASP A 19 -8.50 5.47 6.51
N GLY A 20 -8.13 4.76 5.46
CA GLY A 20 -7.96 5.40 4.16
C GLY A 20 -6.51 5.68 3.84
N THR A 21 -5.68 5.71 4.88
CA THR A 21 -4.25 5.99 4.70
C THR A 21 -3.54 4.79 4.07
N GLY A 22 -2.47 5.08 3.33
CA GLY A 22 -1.72 4.03 2.68
C GLY A 22 -0.27 4.00 3.10
N TYR A 23 0.17 2.89 3.68
CA TYR A 23 1.55 2.75 4.14
C TYR A 23 2.24 1.61 3.41
N CYS A 24 3.57 1.53 3.57
CA CYS A 24 4.35 0.49 2.93
C CYS A 24 5.12 -0.33 3.96
N PHE A 25 4.94 -1.64 3.93
CA PHE A 25 5.61 -2.53 4.86
C PHE A 25 6.47 -3.55 4.12
N LYS A 26 7.60 -3.90 4.72
CA LYS A 26 8.52 -4.87 4.11
C LYS A 26 7.86 -6.23 3.98
N TYR A 1 -6.45 7.51 -1.37
CA TYR A 1 -6.62 6.25 -2.10
C TYR A 1 -5.76 5.15 -1.51
N THR A 2 -6.23 3.91 -1.63
CA THR A 2 -5.51 2.76 -1.11
C THR A 2 -4.60 2.14 -2.17
N CYS A 3 -3.79 1.19 -1.76
CA CYS A 3 -2.88 0.51 -2.68
C CYS A 3 -3.64 -0.40 -3.64
N GLY A 4 -3.07 -0.62 -4.81
CA GLY A 4 -3.71 -1.47 -5.80
C GLY A 4 -3.84 -0.80 -7.16
N PRO A 5 -4.83 0.09 -7.28
CA PRO A 5 -5.08 0.82 -8.53
C PRO A 5 -3.98 1.84 -8.84
N LEU A 6 -3.41 2.43 -7.78
CA LEU A 6 -2.35 3.41 -7.94
C LEU A 6 -0.99 2.80 -7.63
N PHE A 7 0.05 3.60 -7.79
CA PHE A 7 1.42 3.14 -7.53
C PHE A 7 1.50 2.45 -6.17
N GLN A 8 1.87 1.17 -6.19
CA GLN A 8 1.99 0.38 -4.96
C GLN A 8 3.42 -0.13 -4.78
N CYS A 9 3.72 -0.61 -3.58
CA CYS A 9 5.04 -1.13 -3.28
C CYS A 9 5.43 -2.24 -4.25
N PRO A 10 6.74 -2.42 -4.46
CA PRO A 10 7.27 -3.44 -5.37
C PRO A 10 7.06 -4.86 -4.83
N ALA A 11 7.34 -5.85 -5.66
CA ALA A 11 7.18 -7.25 -5.27
C ALA A 11 7.86 -7.52 -3.93
N GLY A 12 7.17 -8.27 -3.07
CA GLY A 12 7.70 -8.59 -1.77
C GLY A 12 7.19 -7.67 -0.68
N GLN A 13 6.84 -6.44 -1.06
CA GLN A 13 6.33 -5.46 -0.12
C GLN A 13 4.82 -5.39 -0.17
N TYR A 14 4.20 -5.15 0.98
CA TYR A 14 2.74 -5.06 1.06
C TYR A 14 2.31 -3.74 1.71
N CYS A 15 1.21 -3.18 1.23
CA CYS A 15 0.69 -1.93 1.77
C CYS A 15 -0.31 -2.18 2.89
N GLN A 16 -0.51 -1.19 3.73
CA GLN A 16 -1.44 -1.30 4.85
C GLN A 16 -2.49 -0.19 4.81
N ASP A 17 -3.75 -0.58 4.72
CA ASP A 17 -4.85 0.37 4.67
C ASP A 17 -5.30 0.77 6.08
N LYS A 18 -5.19 2.05 6.39
CA LYS A 18 -5.58 2.55 7.70
C LYS A 18 -6.44 3.82 7.57
N ASP A 19 -7.74 3.65 7.70
CA ASP A 19 -8.67 4.78 7.60
C ASP A 19 -8.45 5.54 6.30
N GLY A 20 -8.12 4.81 5.24
CA GLY A 20 -7.89 5.43 3.95
C GLY A 20 -6.42 5.66 3.67
N THR A 21 -5.61 5.65 4.72
CA THR A 21 -4.17 5.86 4.58
C THR A 21 -3.47 4.58 4.12
N GLY A 22 -2.35 4.75 3.42
CA GLY A 22 -1.61 3.60 2.94
C GLY A 22 -0.16 3.62 3.37
N TYR A 23 0.25 2.61 4.13
CA TYR A 23 1.63 2.52 4.61
C TYR A 23 2.35 1.34 3.99
N CYS A 24 3.54 1.59 3.45
CA CYS A 24 4.33 0.54 2.83
C CYS A 24 5.09 -0.27 3.88
N PHE A 25 4.91 -1.58 3.86
CA PHE A 25 5.58 -2.46 4.82
C PHE A 25 6.42 -3.51 4.08
N LYS A 26 7.63 -3.74 4.58
CA LYS A 26 8.53 -4.71 3.98
C LYS A 26 7.85 -6.07 3.85
N TYR A 1 -5.45 7.99 -0.25
CA TYR A 1 -5.74 6.90 -1.17
C TYR A 1 -5.05 5.61 -0.73
N THR A 2 -5.75 4.49 -0.87
CA THR A 2 -5.20 3.19 -0.48
C THR A 2 -4.54 2.50 -1.67
N CYS A 3 -3.76 1.46 -1.38
CA CYS A 3 -3.07 0.71 -2.42
C CYS A 3 -4.07 0.12 -3.42
N GLY A 4 -3.61 -0.09 -4.65
CA GLY A 4 -4.47 -0.65 -5.68
C GLY A 4 -4.52 0.20 -6.92
N PRO A 5 -5.25 1.32 -6.85
CA PRO A 5 -5.39 2.25 -7.98
C PRO A 5 -4.09 3.00 -8.28
N LEU A 6 -3.31 3.26 -7.24
CA LEU A 6 -2.05 3.97 -7.40
C LEU A 6 -0.87 3.00 -7.36
N PHE A 7 0.33 3.52 -7.57
CA PHE A 7 1.54 2.70 -7.55
C PHE A 7 1.66 1.94 -6.23
N GLN A 8 1.90 0.63 -6.33
CA GLN A 8 2.04 -0.20 -5.14
C GLN A 8 3.50 -0.56 -4.89
N CYS A 9 3.75 -1.25 -3.79
CA CYS A 9 5.11 -1.65 -3.44
C CYS A 9 5.58 -2.80 -4.32
N PRO A 10 6.90 -2.90 -4.49
CA PRO A 10 7.51 -3.97 -5.31
C PRO A 10 7.39 -5.34 -4.67
N ALA A 11 7.76 -6.37 -5.44
CA ALA A 11 7.69 -7.74 -4.94
C ALA A 11 8.37 -7.87 -3.59
N GLY A 12 7.69 -8.50 -2.63
CA GLY A 12 8.26 -8.67 -1.31
C GLY A 12 7.65 -7.72 -0.29
N GLN A 13 7.21 -6.56 -0.76
CA GLN A 13 6.60 -5.56 0.12
C GLN A 13 5.09 -5.58 0.01
N TYR A 14 4.42 -5.12 1.06
CA TYR A 14 2.96 -5.09 1.09
C TYR A 14 2.45 -3.76 1.61
N CYS A 15 1.30 -3.32 1.10
CA CYS A 15 0.71 -2.06 1.52
C CYS A 15 -0.13 -2.24 2.78
N GLN A 16 -0.35 -1.14 3.50
CA GLN A 16 -1.13 -1.19 4.73
C GLN A 16 -2.25 -0.16 4.70
N ASP A 17 -3.48 -0.62 4.92
CA ASP A 17 -4.64 0.27 4.91
C ASP A 17 -4.94 0.77 6.31
N LYS A 18 -5.06 2.09 6.45
CA LYS A 18 -5.36 2.70 7.74
C LYS A 18 -6.37 3.83 7.59
N ASP A 19 -7.62 3.54 7.92
CA ASP A 19 -8.68 4.54 7.82
C ASP A 19 -8.72 5.16 6.43
N GLY A 20 -8.41 4.35 5.42
CA GLY A 20 -8.42 4.85 4.05
C GLY A 20 -7.02 5.20 3.56
N THR A 21 -6.09 5.39 4.49
CA THR A 21 -4.72 5.72 4.15
C THR A 21 -3.97 4.50 3.62
N GLY A 22 -2.90 4.75 2.86
CA GLY A 22 -2.11 3.66 2.31
C GLY A 22 -0.63 3.84 2.55
N TYR A 23 -0.03 2.88 3.26
CA TYR A 23 1.39 2.94 3.57
C TYR A 23 2.12 1.73 2.98
N CYS A 24 3.45 1.79 3.00
CA CYS A 24 4.27 0.70 2.47
C CYS A 24 5.09 0.05 3.57
N PHE A 25 4.97 -1.26 3.70
CA PHE A 25 5.70 -2.00 4.71
C PHE A 25 6.55 -3.11 4.08
N LYS A 26 7.77 -3.26 4.57
CA LYS A 26 8.69 -4.28 4.05
C LYS A 26 8.00 -5.64 4.01
N TYR A 1 -4.43 8.74 -1.48
CA TYR A 1 -5.21 7.61 -1.98
C TYR A 1 -4.72 6.30 -1.38
N THR A 2 -5.54 5.26 -1.51
CA THR A 2 -5.20 3.95 -0.97
C THR A 2 -4.51 3.08 -2.02
N CYS A 3 -3.72 2.12 -1.55
CA CYS A 3 -3.00 1.22 -2.45
C CYS A 3 -3.97 0.33 -3.22
N GLY A 4 -3.82 0.31 -4.54
CA GLY A 4 -4.68 -0.51 -5.37
C GLY A 4 -4.77 0.00 -6.79
N PRO A 5 -5.48 1.12 -6.99
CA PRO A 5 -5.66 1.75 -8.31
C PRO A 5 -4.37 2.36 -8.84
N LEU A 6 -3.54 2.86 -7.92
CA LEU A 6 -2.27 3.47 -8.30
C LEU A 6 -1.10 2.54 -7.99
N PHE A 7 0.10 2.97 -8.36
CA PHE A 7 1.31 2.18 -8.13
C PHE A 7 1.38 1.74 -6.66
N GLN A 8 1.97 0.57 -6.43
CA GLN A 8 2.12 0.05 -5.08
C GLN A 8 3.55 -0.40 -4.82
N CYS A 9 3.81 -0.92 -3.63
CA CYS A 9 5.14 -1.37 -3.25
C CYS A 9 5.62 -2.48 -4.20
N PRO A 10 6.95 -2.60 -4.34
CA PRO A 10 7.56 -3.60 -5.21
C PRO A 10 7.39 -5.02 -4.66
N ALA A 11 7.76 -6.00 -5.48
CA ALA A 11 7.66 -7.40 -5.08
C ALA A 11 8.29 -7.65 -3.71
N GLY A 12 7.59 -8.37 -2.85
CA GLY A 12 8.11 -8.65 -1.52
C GLY A 12 7.54 -7.72 -0.47
N GLN A 13 7.18 -6.51 -0.88
CA GLN A 13 6.62 -5.53 0.04
C GLN A 13 5.11 -5.46 -0.08
N TYR A 14 4.43 -5.13 1.02
CA TYR A 14 2.98 -5.04 1.02
C TYR A 14 2.53 -3.70 1.63
N CYS A 15 1.35 -3.25 1.23
CA CYS A 15 0.79 -2.00 1.74
C CYS A 15 -0.20 -2.26 2.86
N GLN A 16 -0.43 -1.24 3.69
CA GLN A 16 -1.36 -1.36 4.80
C GLN A 16 -2.42 -0.27 4.75
N ASP A 17 -3.69 -0.68 4.68
CA ASP A 17 -4.79 0.27 4.62
C ASP A 17 -5.27 0.64 6.02
N LYS A 18 -5.27 1.94 6.31
CA LYS A 18 -5.70 2.43 7.61
C LYS A 18 -6.58 3.67 7.46
N ASP A 19 -7.89 3.47 7.56
CA ASP A 19 -8.83 4.58 7.45
C ASP A 19 -8.60 5.36 6.16
N GLY A 20 -8.23 4.65 5.10
CA GLY A 20 -7.97 5.30 3.83
C GLY A 20 -6.51 5.55 3.59
N THR A 21 -5.72 5.53 4.66
CA THR A 21 -4.28 5.77 4.56
C THR A 21 -3.56 4.52 4.08
N GLY A 22 -2.41 4.72 3.43
CA GLY A 22 -1.63 3.60 2.93
C GLY A 22 -0.19 3.65 3.36
N TYR A 23 0.25 2.62 4.09
CA TYR A 23 1.62 2.55 4.57
C TYR A 23 2.36 1.36 3.97
N CYS A 24 3.54 1.60 3.44
CA CYS A 24 4.35 0.55 2.82
C CYS A 24 5.17 -0.17 3.88
N PHE A 25 5.02 -1.50 3.93
CA PHE A 25 5.75 -2.31 4.90
C PHE A 25 6.57 -3.39 4.20
N LYS A 26 7.78 -3.61 4.69
CA LYS A 26 8.67 -4.61 4.10
C LYS A 26 7.95 -5.95 3.94
N TYR A 1 -4.57 5.80 0.04
CA TYR A 1 -5.51 4.84 -0.55
C TYR A 1 -4.99 3.41 -0.41
N THR A 2 -5.74 2.47 -0.95
CA THR A 2 -5.36 1.06 -0.89
C THR A 2 -4.59 0.64 -2.13
N CYS A 3 -4.04 -0.57 -2.11
CA CYS A 3 -3.28 -1.09 -3.24
C CYS A 3 -4.19 -1.35 -4.44
N GLY A 4 -3.83 -0.78 -5.58
CA GLY A 4 -4.62 -0.96 -6.79
C GLY A 4 -4.71 0.30 -7.62
N PRO A 5 -5.51 1.27 -7.14
CA PRO A 5 -5.71 2.55 -7.84
C PRO A 5 -4.46 3.42 -7.79
N LEU A 6 -3.80 3.46 -6.64
CA LEU A 6 -2.59 4.27 -6.48
C LEU A 6 -1.35 3.38 -6.54
N PHE A 7 -0.17 4.01 -6.50
CA PHE A 7 1.10 3.28 -6.54
C PHE A 7 1.13 2.18 -5.49
N GLN A 8 1.97 1.19 -5.71
CA GLN A 8 2.10 0.08 -4.78
C GLN A 8 3.57 -0.30 -4.57
N CYS A 9 3.82 -1.19 -3.63
CA CYS A 9 5.17 -1.63 -3.32
C CYS A 9 5.59 -2.78 -4.23
N PRO A 10 6.91 -2.93 -4.46
CA PRO A 10 7.46 -3.97 -5.30
C PRO A 10 7.33 -5.36 -4.67
N ALA A 11 7.64 -6.39 -5.45
CA ALA A 11 7.56 -7.77 -4.97
C ALA A 11 8.26 -7.92 -3.62
N GLY A 12 7.60 -8.61 -2.70
CA GLY A 12 8.17 -8.81 -1.37
C GLY A 12 7.65 -7.81 -0.36
N GLN A 13 7.26 -6.64 -0.83
CA GLN A 13 6.74 -5.60 0.05
C GLN A 13 5.22 -5.55 0.01
N TYR A 14 4.60 -5.27 1.15
CA TYR A 14 3.15 -5.20 1.23
C TYR A 14 2.70 -3.85 1.79
N CYS A 15 1.59 -3.33 1.27
CA CYS A 15 1.06 -2.05 1.72
C CYS A 15 0.06 -2.25 2.84
N GLN A 16 -0.16 -1.20 3.62
CA GLN A 16 -1.09 -1.25 4.74
C GLN A 16 -2.09 -0.10 4.68
N ASP A 17 -3.38 -0.44 4.68
CA ASP A 17 -4.44 0.57 4.62
C ASP A 17 -4.85 1.00 6.03
N LYS A 18 -4.98 2.31 6.23
CA LYS A 18 -5.38 2.85 7.52
C LYS A 18 -6.39 3.97 7.35
N ASP A 19 -7.66 3.66 7.57
CA ASP A 19 -8.73 4.64 7.44
C ASP A 19 -8.65 5.35 6.09
N GLY A 20 -8.30 4.61 5.06
CA GLY A 20 -8.20 5.19 3.73
C GLY A 20 -6.76 5.52 3.35
N THR A 21 -5.89 5.62 4.35
CA THR A 21 -4.48 5.93 4.12
C THR A 21 -3.75 4.74 3.54
N GLY A 22 -2.59 4.99 2.92
CA GLY A 22 -1.81 3.93 2.33
C GLY A 22 -0.35 3.98 2.75
N TYR A 23 0.13 2.89 3.32
CA TYR A 23 1.52 2.82 3.77
C TYR A 23 2.25 1.64 3.12
N CYS A 24 3.56 1.63 3.25
CA CYS A 24 4.38 0.56 2.66
C CYS A 24 5.21 -0.13 3.74
N PHE A 25 5.12 -1.46 3.77
CA PHE A 25 5.87 -2.24 4.75
C PHE A 25 6.73 -3.30 4.07
N LYS A 26 7.94 -3.49 4.58
CA LYS A 26 8.87 -4.47 4.02
C LYS A 26 8.25 -5.86 4.01
N TYR A 1 -5.81 6.57 -0.17
CA TYR A 1 -6.54 5.65 -1.03
C TYR A 1 -6.10 4.21 -0.78
N THR A 2 -6.69 3.28 -1.52
CA THR A 2 -6.36 1.87 -1.38
C THR A 2 -5.28 1.45 -2.38
N CYS A 3 -4.80 0.22 -2.23
CA CYS A 3 -3.76 -0.30 -3.12
C CYS A 3 -4.38 -0.95 -4.35
N GLY A 4 -3.63 -0.96 -5.44
CA GLY A 4 -4.12 -1.56 -6.68
C GLY A 4 -4.10 -0.59 -7.84
N PRO A 5 -5.09 0.31 -7.87
CA PRO A 5 -5.22 1.32 -8.94
C PRO A 5 -4.13 2.38 -8.86
N LEU A 6 -3.69 2.68 -7.64
CA LEU A 6 -2.65 3.68 -7.44
C LEU A 6 -1.30 3.02 -7.17
N PHE A 7 -0.26 3.83 -7.03
CA PHE A 7 1.08 3.32 -6.77
C PHE A 7 1.08 2.35 -5.59
N GLN A 8 2.03 1.43 -5.59
CA GLN A 8 2.13 0.45 -4.52
C GLN A 8 3.57 -0.05 -4.38
N CYS A 9 3.86 -0.72 -3.27
CA CYS A 9 5.19 -1.26 -3.01
C CYS A 9 5.55 -2.33 -4.04
N PRO A 10 6.85 -2.51 -4.27
CA PRO A 10 7.36 -3.49 -5.23
C PRO A 10 7.16 -4.93 -4.75
N ALA A 11 7.44 -5.89 -5.61
CA ALA A 11 7.29 -7.30 -5.28
C ALA A 11 7.97 -7.62 -3.95
N GLY A 12 7.27 -8.39 -3.11
CA GLY A 12 7.82 -8.75 -1.82
C GLY A 12 7.34 -7.84 -0.71
N GLN A 13 7.02 -6.61 -1.06
CA GLN A 13 6.53 -5.64 -0.08
C GLN A 13 5.02 -5.51 -0.13
N TYR A 14 4.41 -5.32 1.02
CA TYR A 14 2.95 -5.18 1.11
C TYR A 14 2.57 -3.87 1.78
N CYS A 15 1.49 -3.25 1.30
CA CYS A 15 1.02 -1.99 1.85
C CYS A 15 -0.04 -2.23 2.92
N GLN A 16 -0.23 -1.25 3.79
CA GLN A 16 -1.22 -1.35 4.86
C GLN A 16 -2.21 -0.19 4.80
N ASP A 17 -3.49 -0.52 4.77
CA ASP A 17 -4.55 0.49 4.72
C ASP A 17 -5.01 0.87 6.12
N LYS A 18 -5.10 2.17 6.38
CA LYS A 18 -5.53 2.66 7.69
C LYS A 18 -6.41 3.90 7.53
N ASP A 19 -7.72 3.71 7.64
CA ASP A 19 -8.67 4.81 7.52
C ASP A 19 -8.44 5.58 6.23
N GLY A 20 -8.05 4.87 5.18
CA GLY A 20 -7.82 5.50 3.89
C GLY A 20 -6.34 5.76 3.64
N THR A 21 -5.55 5.75 4.72
CA THR A 21 -4.11 5.99 4.61
C THR A 21 -3.40 4.78 4.01
N GLY A 22 -2.33 5.04 3.26
CA GLY A 22 -1.58 3.97 2.65
C GLY A 22 -0.14 3.91 3.12
N TYR A 23 0.24 2.81 3.74
CA TYR A 23 1.59 2.64 4.25
C TYR A 23 2.31 1.49 3.53
N CYS A 24 3.62 1.40 3.73
CA CYS A 24 4.41 0.35 3.11
C CYS A 24 5.14 -0.49 4.16
N PHE A 25 5.17 -1.80 3.94
CA PHE A 25 5.83 -2.71 4.87
C PHE A 25 6.63 -3.77 4.13
N LYS A 26 7.84 -4.03 4.60
CA LYS A 26 8.72 -5.01 3.98
C LYS A 26 8.01 -6.36 3.83
N TYR A 1 -6.23 6.13 -0.12
CA TYR A 1 -7.03 5.13 -0.82
C TYR A 1 -6.44 3.74 -0.65
N THR A 2 -6.96 2.79 -1.41
CA THR A 2 -6.49 1.41 -1.33
C THR A 2 -5.40 1.15 -2.38
N CYS A 3 -4.79 -0.04 -2.30
CA CYS A 3 -3.74 -0.42 -3.25
C CYS A 3 -4.34 -1.08 -4.48
N GLY A 4 -3.59 -1.04 -5.58
CA GLY A 4 -4.05 -1.65 -6.81
C GLY A 4 -4.06 -0.67 -7.97
N PRO A 5 -5.07 0.22 -7.99
CA PRO A 5 -5.21 1.22 -9.05
C PRO A 5 -4.14 2.30 -8.97
N LEU A 6 -3.71 2.61 -7.76
CA LEU A 6 -2.67 3.63 -7.55
C LEU A 6 -1.32 2.97 -7.26
N PHE A 7 -0.29 3.81 -7.13
CA PHE A 7 1.05 3.32 -6.85
C PHE A 7 1.06 2.36 -5.67
N GLN A 8 2.02 1.44 -5.66
CA GLN A 8 2.12 0.46 -4.58
C GLN A 8 3.55 -0.03 -4.44
N CYS A 9 3.83 -0.72 -3.34
CA CYS A 9 5.17 -1.25 -3.08
C CYS A 9 5.52 -2.34 -4.09
N PRO A 10 6.83 -2.51 -4.33
CA PRO A 10 7.33 -3.51 -5.28
C PRO A 10 7.14 -4.93 -4.78
N ALA A 11 7.40 -5.91 -5.65
CA ALA A 11 7.26 -7.31 -5.30
C ALA A 11 7.96 -7.62 -3.97
N GLY A 12 7.25 -8.32 -3.08
CA GLY A 12 7.82 -8.66 -1.80
C GLY A 12 7.31 -7.77 -0.68
N GLN A 13 6.96 -6.54 -1.02
CA GLN A 13 6.46 -5.58 -0.04
C GLN A 13 4.93 -5.45 -0.13
N TYR A 14 4.31 -5.16 1.01
CA TYR A 14 2.86 -5.02 1.06
C TYR A 14 2.47 -3.73 1.77
N CYS A 15 1.40 -3.09 1.29
CA CYS A 15 0.93 -1.84 1.87
C CYS A 15 -0.15 -2.11 2.92
N GLN A 16 -0.36 -1.15 3.81
CA GLN A 16 -1.36 -1.29 4.86
C GLN A 16 -2.37 -0.16 4.79
N ASP A 17 -3.65 -0.52 4.71
CA ASP A 17 -4.72 0.48 4.64
C ASP A 17 -5.22 0.84 6.03
N LYS A 18 -5.15 2.12 6.36
CA LYS A 18 -5.60 2.60 7.67
C LYS A 18 -6.44 3.87 7.52
N ASP A 19 -7.75 3.71 7.59
CA ASP A 19 -8.66 4.85 7.47
C ASP A 19 -8.36 5.66 6.21
N GLY A 20 -7.97 4.96 5.15
CA GLY A 20 -7.66 5.63 3.90
C GLY A 20 -6.17 5.83 3.70
N THR A 21 -5.42 5.76 4.80
CA THR A 21 -3.97 5.94 4.74
C THR A 21 -3.28 4.67 4.24
N GLY A 22 -2.15 4.85 3.56
CA GLY A 22 -1.41 3.72 3.04
C GLY A 22 0.03 3.71 3.50
N TYR A 23 0.42 2.67 4.23
CA TYR A 23 1.79 2.54 4.73
C TYR A 23 2.50 1.35 4.09
N CYS A 24 3.68 1.61 3.56
CA CYS A 24 4.47 0.56 2.92
C CYS A 24 5.26 -0.24 3.95
N PHE A 25 5.09 -1.56 3.94
CA PHE A 25 5.78 -2.43 4.87
C PHE A 25 6.54 -3.53 4.12
N LYS A 26 7.76 -3.80 4.57
CA LYS A 26 8.59 -4.82 3.95
C LYS A 26 7.82 -6.13 3.79
#